data_7W1S
#
_entry.id   7W1S
#
_cell.length_a   56.804
_cell.length_b   56.804
_cell.length_c   219.773
_cell.angle_alpha   90.000
_cell.angle_beta   90.000
_cell.angle_gamma   90.000
#
_symmetry.space_group_name_H-M   'P 41 21 2'
#
loop_
_entity.id
_entity.type
_entity.pdbx_description
1 polymer 'Spike protein S1'
2 polymer 'Nanobody Nb-007'
3 water water
#
loop_
_entity_poly.entity_id
_entity_poly.type
_entity_poly.pdbx_seq_one_letter_code
_entity_poly.pdbx_strand_id
1 'polypeptide(L)'
;VQPTESIVRFPNITNLCPFGEVFNATRFASVYAWNRKRISNCVADYSVLYNSASFSTFKCYGVSPTKLNDLCFTNVYADS
FVIRGDEVRQIAPGQTGKIADYNYKLPDDFTGCVIAWNSNNLDSKVGGNYNYLYRLFRKSNLKPFERDISTEIYQAGSTP
CNGVEGFNCYFPLQSYGFQPTNGVGYQPYRVVVLSFELLHAPATVCGPKKSTNLVKNK
;
A
2 'polypeptide(L)'
;QLQLVESGGGLVQAGGSMRLSCAASISFSSFPMGWHRQAPGKQRELVAKTGIGGTAYDDSVKGRFTISRDNTKNTVYLQM
NSLKVEDTAVYYCWGWRMNDYWGQGTQVTVSSHHHHHH
;
B
#
# COMPACT_ATOMS: atom_id res chain seq x y z
N ASN A 15 15.02 29.03 -4.70
CA ASN A 15 15.75 29.58 -3.57
C ASN A 15 15.64 28.65 -2.37
N LEU A 16 14.45 28.54 -1.79
CA LEU A 16 14.25 27.62 -0.68
C LEU A 16 14.09 26.20 -1.19
N CYS A 17 14.66 25.24 -0.45
CA CYS A 17 14.60 23.85 -0.88
C CYS A 17 13.16 23.33 -0.83
N PRO A 18 12.73 22.59 -1.84
CA PRO A 18 11.33 22.13 -1.91
C PRO A 18 11.03 20.96 -0.97
N PHE A 19 11.24 21.18 0.32
CA PHE A 19 10.94 20.15 1.31
C PHE A 19 9.44 19.87 1.39
N GLY A 20 8.61 20.87 1.10
CA GLY A 20 7.17 20.67 1.15
C GLY A 20 6.68 19.62 0.17
N GLU A 21 7.23 19.62 -1.05
CA GLU A 21 6.86 18.61 -2.03
C GLU A 21 7.07 17.19 -1.52
N VAL A 22 8.10 16.99 -0.71
CA VAL A 22 8.39 15.66 -0.18
C VAL A 22 7.57 15.37 1.05
N PHE A 23 7.69 16.23 2.07
CA PHE A 23 7.08 15.94 3.37
C PHE A 23 5.56 16.05 3.34
N ASN A 24 5.02 16.91 2.47
CA ASN A 24 3.58 17.16 2.44
C ASN A 24 2.93 16.65 1.17
N ALA A 25 3.58 15.73 0.45
CA ALA A 25 2.93 15.09 -0.68
C ALA A 25 1.64 14.42 -0.23
N THR A 26 0.59 14.57 -1.04
CA THR A 26 -0.70 13.99 -0.66
C THR A 26 -0.60 12.47 -0.53
N ARG A 27 0.18 11.83 -1.39
CA ARG A 27 0.44 10.40 -1.30
C ARG A 27 1.93 10.16 -1.24
N PHE A 28 2.31 9.11 -0.51
CA PHE A 28 3.68 8.65 -0.44
C PHE A 28 3.83 7.37 -1.25
N ALA A 29 5.08 6.99 -1.49
CA ALA A 29 5.37 5.77 -2.22
C ALA A 29 5.28 4.55 -1.31
N SER A 30 4.99 3.40 -1.89
CA SER A 30 5.22 2.15 -1.20
C SER A 30 6.71 1.95 -0.95
N VAL A 31 7.05 1.30 0.16
CA VAL A 31 8.45 1.18 0.56
C VAL A 31 9.25 0.37 -0.45
N TYR A 32 8.61 -0.62 -1.09
CA TYR A 32 9.33 -1.39 -2.10
C TYR A 32 9.67 -0.54 -3.32
N ALA A 33 8.86 0.48 -3.60
CA ALA A 33 9.15 1.41 -4.69
C ALA A 33 9.43 2.79 -4.10
N TRP A 34 10.34 2.84 -3.12
CA TRP A 34 10.57 4.06 -2.37
C TRP A 34 10.99 5.21 -3.29
N ASN A 35 10.45 6.39 -3.02
CA ASN A 35 10.77 7.55 -3.84
C ASN A 35 12.14 8.12 -3.47
N ARG A 36 12.82 8.69 -4.46
CA ARG A 36 14.01 9.50 -4.24
C ARG A 36 13.87 10.81 -5.00
N LYS A 37 14.03 11.91 -4.28
CA LYS A 37 13.97 13.25 -4.86
C LYS A 37 15.32 13.91 -4.68
N ARG A 38 15.91 14.35 -5.79
CA ARG A 38 17.17 15.07 -5.76
C ARG A 38 16.91 16.55 -5.50
N ILE A 39 17.48 17.06 -4.43
CA ILE A 39 17.32 18.43 -3.99
C ILE A 39 18.64 19.15 -4.16
N SER A 40 18.64 20.22 -4.97
CA SER A 40 19.85 20.90 -5.35
C SER A 40 19.57 22.39 -5.49
N ASN A 41 20.65 23.18 -5.44
CA ASN A 41 20.63 24.61 -5.75
C ASN A 41 19.56 25.35 -4.94
N CYS A 42 19.65 25.22 -3.63
CA CYS A 42 18.63 25.82 -2.78
C CYS A 42 19.15 25.99 -1.36
N VAL A 43 18.43 26.81 -0.60
CA VAL A 43 18.74 27.08 0.80
C VAL A 43 17.80 26.25 1.65
N ALA A 44 18.37 25.51 2.61
CA ALA A 44 17.60 24.62 3.46
C ALA A 44 17.71 25.08 4.92
N ASP A 45 16.56 25.27 5.56
CA ASP A 45 16.51 25.59 6.98
C ASP A 45 15.95 24.35 7.69
N TYR A 46 16.86 23.55 8.26
CA TYR A 46 16.45 22.31 8.91
C TYR A 46 15.83 22.56 10.27
N SER A 47 16.02 23.74 10.86
CA SER A 47 15.30 24.06 12.10
C SER A 47 13.82 24.26 11.83
N VAL A 48 13.49 25.03 10.79
CA VAL A 48 12.10 25.18 10.36
C VAL A 48 11.51 23.82 10.00
N LEU A 49 12.28 23.00 9.29
CA LEU A 49 11.80 21.66 8.95
C LEU A 49 11.53 20.84 10.20
N TYR A 50 12.39 20.95 11.21
CA TYR A 50 12.15 20.25 12.46
C TYR A 50 10.89 20.73 13.14
N ASN A 51 10.64 22.04 13.11
CA ASN A 51 9.42 22.60 13.68
C ASN A 51 8.24 22.54 12.72
N SER A 52 8.37 21.80 11.60
CA SER A 52 7.29 21.76 10.62
C SER A 52 6.13 20.90 11.08
N ALA A 53 6.40 19.84 11.84
CA ALA A 53 5.36 18.91 12.25
C ALA A 53 5.74 18.28 13.57
N SER A 54 4.92 17.33 14.02
CA SER A 54 5.16 16.58 15.24
C SER A 54 5.82 15.26 14.84
N PHE A 55 7.11 15.32 14.56
CA PHE A 55 7.86 14.13 14.19
C PHE A 55 8.05 13.23 15.39
N SER A 56 7.85 11.93 15.19
CA SER A 56 8.17 10.94 16.20
C SER A 56 9.61 10.45 16.09
N THR A 57 10.22 10.54 14.91
CA THR A 57 11.63 10.24 14.73
C THR A 57 12.28 11.37 13.95
N PHE A 58 13.44 11.82 14.43
CA PHE A 58 14.24 12.82 13.74
C PHE A 58 15.68 12.71 14.21
N LYS A 59 16.39 11.71 13.75
CA LYS A 59 17.75 11.45 14.21
C LYS A 59 18.72 11.52 13.03
N CYS A 60 19.99 11.67 13.34
CA CYS A 60 21.01 11.78 12.31
C CYS A 60 22.21 10.93 12.67
N TYR A 61 22.96 10.53 11.64
CA TYR A 61 24.15 9.71 11.73
C TYR A 61 25.27 10.41 10.99
N GLY A 62 26.43 10.53 11.62
CA GLY A 62 27.57 11.17 11.01
C GLY A 62 27.46 12.68 10.85
N VAL A 63 26.40 13.28 11.38
CA VAL A 63 26.21 14.73 11.32
C VAL A 63 25.42 15.14 12.55
N SER A 64 25.65 16.35 13.03
CA SER A 64 24.90 16.80 14.19
C SER A 64 23.62 17.51 13.74
N PRO A 65 22.46 17.13 14.27
CA PRO A 65 21.21 17.81 13.88
C PRO A 65 21.26 19.31 14.05
N THR A 66 21.58 19.77 15.26
CA THR A 66 21.56 21.21 15.56
C THR A 66 22.60 21.99 14.77
N LYS A 67 23.47 21.32 14.01
CA LYS A 67 24.46 22.02 13.22
C LYS A 67 24.16 21.97 11.72
N LEU A 68 23.03 21.35 11.34
CA LEU A 68 22.71 21.22 9.92
C LEU A 68 22.61 22.57 9.22
N ASN A 69 22.09 23.59 9.93
CA ASN A 69 21.96 24.91 9.32
C ASN A 69 23.29 25.59 9.05
N ASP A 70 24.41 25.03 9.52
CA ASP A 70 25.72 25.63 9.30
C ASP A 70 26.47 24.97 8.15
N LEU A 71 25.90 23.96 7.51
CA LEU A 71 26.62 23.13 6.57
C LEU A 71 26.14 23.35 5.14
N CYS A 72 27.04 23.09 4.20
CA CYS A 72 26.74 23.11 2.78
C CYS A 72 27.00 21.73 2.19
N PHE A 73 26.12 21.29 1.30
CA PHE A 73 26.26 20.00 0.65
C PHE A 73 26.21 20.18 -0.86
N THR A 74 26.73 19.18 -1.58
CA THR A 74 26.68 19.23 -3.03
C THR A 74 25.26 18.97 -3.53
N ASN A 75 24.62 17.94 -3.00
CA ASN A 75 23.19 17.69 -3.22
C ASN A 75 22.64 17.05 -1.95
N VAL A 76 21.31 17.05 -1.85
CA VAL A 76 20.60 16.33 -0.81
C VAL A 76 19.63 15.38 -1.50
N TYR A 77 19.54 14.15 -1.02
CA TYR A 77 18.60 13.18 -1.59
C TYR A 77 17.58 12.83 -0.52
N ALA A 78 16.31 13.01 -0.83
CA ALA A 78 15.22 12.69 0.09
C ALA A 78 14.53 11.43 -0.41
N ASP A 79 14.72 10.32 0.30
CA ASP A 79 13.98 9.10 0.03
C ASP A 79 12.74 9.08 0.91
N SER A 80 11.59 8.77 0.33
CA SER A 80 10.36 8.83 1.10
C SER A 80 9.49 7.61 0.81
N PHE A 81 8.81 7.14 1.85
CA PHE A 81 7.94 5.96 1.73
C PHE A 81 7.10 5.86 2.99
N VAL A 82 6.19 4.88 3.00
CA VAL A 82 5.35 4.57 4.14
C VAL A 82 5.63 3.15 4.59
N ILE A 83 5.76 2.97 5.91
CA ILE A 83 5.85 1.64 6.53
C ILE A 83 4.93 1.63 7.74
N ARG A 84 4.84 0.50 8.43
CA ARG A 84 4.07 0.53 9.66
C ARG A 84 4.97 0.87 10.84
N GLY A 85 4.34 1.29 11.95
CA GLY A 85 5.10 1.83 13.06
C GLY A 85 6.19 0.91 13.56
N ASP A 86 5.83 -0.35 13.82
CA ASP A 86 6.79 -1.33 14.34
C ASP A 86 8.03 -1.47 13.46
N GLU A 87 7.99 -0.98 12.22
CA GLU A 87 9.09 -1.14 11.29
C GLU A 87 10.00 0.08 11.21
N VAL A 88 9.66 1.17 11.88
CA VAL A 88 10.50 2.37 11.83
C VAL A 88 11.90 2.07 12.32
N ARG A 89 12.03 1.17 13.30
CA ARG A 89 13.36 0.81 13.82
C ARG A 89 14.26 0.21 12.75
N GLN A 90 13.70 -0.35 11.68
CA GLN A 90 14.53 -0.97 10.65
C GLN A 90 15.17 0.06 9.72
N ILE A 91 14.75 1.31 9.76
CA ILE A 91 15.33 2.34 8.90
C ILE A 91 16.53 2.94 9.62
N ALA A 92 17.60 2.17 9.70
CA ALA A 92 18.80 2.55 10.44
C ALA A 92 19.93 1.64 10.01
N PRO A 93 21.18 2.06 10.19
CA PRO A 93 22.31 1.18 9.87
C PRO A 93 22.27 -0.09 10.70
N GLY A 94 22.71 -1.19 10.07
CA GLY A 94 22.87 -2.44 10.79
C GLY A 94 21.60 -3.14 11.20
N GLN A 95 20.48 -2.87 10.53
CA GLN A 95 19.21 -3.48 10.87
C GLN A 95 18.89 -4.64 9.95
N THR A 96 18.06 -5.56 10.44
CA THR A 96 17.54 -6.66 9.65
C THR A 96 16.03 -6.72 9.83
N GLY A 97 15.39 -7.55 9.02
CA GLY A 97 13.95 -7.63 8.94
C GLY A 97 13.47 -7.44 7.51
N LYS A 98 12.17 -7.68 7.34
CA LYS A 98 11.58 -7.65 6.00
C LYS A 98 11.87 -6.33 5.29
N ILE A 99 11.80 -5.21 6.02
CA ILE A 99 11.98 -3.90 5.40
C ILE A 99 13.45 -3.67 5.05
N ALA A 100 14.33 -3.83 6.04
CA ALA A 100 15.75 -3.60 5.81
C ALA A 100 16.33 -4.59 4.80
N ASP A 101 15.87 -5.85 4.87
CA ASP A 101 16.41 -6.88 3.98
C ASP A 101 15.87 -6.76 2.57
N TYR A 102 14.55 -6.54 2.43
CA TYR A 102 13.89 -6.69 1.14
C TYR A 102 13.29 -5.42 0.55
N ASN A 103 13.33 -4.29 1.26
CA ASN A 103 12.61 -3.12 0.78
C ASN A 103 13.46 -1.85 0.71
N TYR A 104 14.08 -1.47 1.83
CA TYR A 104 14.91 -0.27 1.85
C TYR A 104 16.03 -0.49 2.87
N LYS A 105 17.27 -0.41 2.40
CA LYS A 105 18.45 -0.75 3.20
C LYS A 105 19.40 0.43 3.27
N LEU A 106 19.77 0.82 4.51
CA LEU A 106 20.81 1.82 4.71
C LEU A 106 22.16 1.14 4.94
N PRO A 107 23.25 1.73 4.48
CA PRO A 107 24.58 1.15 4.72
C PRO A 107 25.00 1.30 6.18
N ASP A 108 25.97 0.47 6.57
CA ASP A 108 26.48 0.53 7.93
C ASP A 108 27.11 1.88 8.24
N ASP A 109 27.71 2.53 7.24
CA ASP A 109 28.35 3.82 7.41
C ASP A 109 27.45 4.96 6.96
N PHE A 110 26.13 4.77 7.06
CA PHE A 110 25.18 5.79 6.62
C PHE A 110 25.43 7.11 7.34
N THR A 111 25.51 8.18 6.57
CA THR A 111 25.48 9.54 7.09
C THR A 111 24.25 10.22 6.52
N GLY A 112 23.49 10.88 7.37
CA GLY A 112 22.25 11.51 6.97
C GLY A 112 21.28 11.54 8.14
N CYS A 113 20.00 11.71 7.84
CA CYS A 113 19.00 11.78 8.90
C CYS A 113 17.79 10.93 8.53
N VAL A 114 17.20 10.29 9.54
CA VAL A 114 15.95 9.54 9.40
C VAL A 114 14.87 10.31 10.13
N ILE A 115 13.77 10.57 9.43
CA ILE A 115 12.66 11.36 9.92
C ILE A 115 11.37 10.57 9.68
N ALA A 116 10.55 10.43 10.71
CA ALA A 116 9.33 9.64 10.59
C ALA A 116 8.23 10.24 11.44
N TRP A 117 7.00 10.17 10.92
CA TRP A 117 5.84 10.64 11.65
C TRP A 117 4.64 9.77 11.35
N ASN A 118 3.76 9.66 12.36
CA ASN A 118 2.53 8.89 12.21
C ASN A 118 1.62 9.56 11.18
N SER A 119 1.15 8.78 10.20
CA SER A 119 0.31 9.29 9.14
C SER A 119 -1.03 8.57 9.08
N ASN A 120 -1.52 8.09 10.24
CA ASN A 120 -2.78 7.35 10.27
C ASN A 120 -3.93 8.20 9.73
N ASN A 121 -3.92 9.51 10.01
CA ASN A 121 -4.99 10.38 9.54
C ASN A 121 -4.96 10.56 8.03
N LEU A 122 -3.79 10.39 7.41
CA LEU A 122 -3.64 10.62 5.98
C LEU A 122 -3.72 9.34 5.16
N ASP A 123 -3.18 8.23 5.69
CA ASP A 123 -2.92 7.05 4.88
C ASP A 123 -3.78 5.84 5.23
N SER A 124 -4.59 5.91 6.28
CA SER A 124 -5.55 4.86 6.58
C SER A 124 -6.94 5.29 6.12
N LYS A 125 -7.78 4.30 5.83
CA LYS A 125 -9.16 4.54 5.38
C LYS A 125 -10.07 3.46 5.92
N VAL A 126 -11.32 3.84 6.19
CA VAL A 126 -12.33 2.85 6.55
C VAL A 126 -12.51 1.88 5.39
N GLY A 127 -12.55 0.59 5.71
CA GLY A 127 -12.54 -0.44 4.69
C GLY A 127 -11.17 -0.80 4.18
N GLY A 128 -10.13 -0.08 4.59
CA GLY A 128 -8.78 -0.40 4.22
C GLY A 128 -8.20 0.45 3.11
N ASN A 129 -6.99 0.95 3.31
CA ASN A 129 -6.18 1.52 2.24
C ASN A 129 -5.12 0.48 1.89
N TYR A 130 -5.26 -0.13 0.72
CA TYR A 130 -4.36 -1.19 0.31
C TYR A 130 -3.24 -0.71 -0.59
N ASN A 131 -3.17 0.59 -0.87
CA ASN A 131 -2.23 1.10 -1.88
C ASN A 131 -0.77 0.96 -1.45
N TYR A 132 -0.50 0.95 -0.15
CA TYR A 132 0.87 0.84 0.34
C TYR A 132 1.25 -0.64 0.45
N LEU A 133 2.34 -1.01 -0.22
CA LEU A 133 2.79 -2.39 -0.31
C LEU A 133 4.20 -2.53 0.23
N TYR A 134 4.58 -3.77 0.53
CA TYR A 134 5.94 -4.11 0.90
C TYR A 134 6.27 -5.45 0.26
N ARG A 135 7.56 -5.69 0.06
CA ARG A 135 8.04 -6.96 -0.46
C ARG A 135 8.28 -7.93 0.69
N LEU A 136 7.68 -9.11 0.58
CA LEU A 136 7.77 -10.14 1.62
C LEU A 136 8.80 -11.21 1.31
N PHE A 137 9.09 -11.45 0.04
CA PHE A 137 10.03 -12.49 -0.37
C PHE A 137 11.06 -11.94 -1.34
N ARG A 138 12.30 -12.41 -1.22
CA ARG A 138 13.35 -12.07 -2.18
C ARG A 138 14.47 -13.10 -2.07
N LYS A 139 15.15 -13.34 -3.19
CA LYS A 139 16.24 -14.32 -3.22
C LYS A 139 17.39 -13.92 -2.31
N SER A 140 17.65 -12.62 -2.19
CA SER A 140 18.77 -12.14 -1.39
C SER A 140 18.40 -10.78 -0.81
N ASN A 141 19.22 -10.33 0.13
CA ASN A 141 19.00 -9.02 0.72
C ASN A 141 19.43 -7.92 -0.23
N LEU A 142 18.75 -6.78 -0.14
CA LEU A 142 19.12 -5.62 -0.94
C LEU A 142 20.48 -5.09 -0.52
N LYS A 143 21.20 -4.56 -1.49
CA LYS A 143 22.36 -3.76 -1.18
C LYS A 143 21.91 -2.37 -0.75
N PRO A 144 22.75 -1.63 -0.03
CA PRO A 144 22.33 -0.30 0.45
C PRO A 144 21.85 0.59 -0.69
N PHE A 145 20.72 1.25 -0.46
CA PHE A 145 20.09 2.16 -1.42
C PHE A 145 19.68 1.47 -2.72
N GLU A 146 19.54 0.15 -2.71
CA GLU A 146 19.01 -0.55 -3.87
C GLU A 146 17.48 -0.52 -3.83
N ARG A 147 16.89 -0.53 -5.02
CA ARG A 147 15.43 -0.59 -5.18
C ARG A 147 15.07 -1.77 -6.06
N ASP A 148 14.10 -2.56 -5.62
CA ASP A 148 13.59 -3.70 -6.36
C ASP A 148 12.08 -3.52 -6.53
N ILE A 149 11.64 -3.28 -7.76
CA ILE A 149 10.23 -3.12 -8.07
C ILE A 149 9.68 -4.28 -8.89
N SER A 150 10.42 -5.38 -8.99
CA SER A 150 9.96 -6.52 -9.77
C SER A 150 8.79 -7.21 -9.07
N THR A 151 7.99 -7.91 -9.87
CA THR A 151 6.82 -8.62 -9.38
C THR A 151 6.80 -10.06 -9.86
N GLU A 152 7.99 -10.65 -10.08
CA GLU A 152 8.07 -12.03 -10.50
C GLU A 152 7.65 -12.95 -9.37
N ILE A 153 7.03 -14.08 -9.75
CA ILE A 153 6.54 -15.03 -8.76
C ILE A 153 7.73 -15.64 -8.04
N TYR A 154 7.73 -15.54 -6.71
CA TYR A 154 8.85 -16.02 -5.90
C TYR A 154 8.71 -17.52 -5.68
N GLN A 155 9.79 -18.26 -5.96
CA GLN A 155 9.83 -19.70 -5.78
C GLN A 155 10.43 -19.99 -4.41
N ALA A 156 9.57 -20.21 -3.42
CA ALA A 156 10.00 -20.51 -2.06
C ALA A 156 10.34 -21.98 -1.86
N GLY A 157 10.03 -22.84 -2.83
CA GLY A 157 10.26 -24.26 -2.66
C GLY A 157 11.06 -24.91 -3.77
N SER A 158 10.98 -26.24 -3.87
CA SER A 158 11.79 -27.00 -4.80
C SER A 158 11.16 -27.12 -6.18
N THR A 159 9.85 -26.91 -6.29
CA THR A 159 9.13 -27.08 -7.55
C THR A 159 8.99 -25.74 -8.26
N PRO A 160 9.34 -25.67 -9.55
CA PRO A 160 9.29 -24.38 -10.24
C PRO A 160 7.85 -23.89 -10.38
N CYS A 161 7.68 -22.57 -10.27
CA CYS A 161 6.35 -21.98 -10.29
C CYS A 161 5.82 -21.82 -11.71
N ASN A 162 6.67 -21.32 -12.61
CA ASN A 162 6.32 -21.15 -14.03
C ASN A 162 5.05 -20.33 -14.19
N GLY A 163 5.00 -19.19 -13.50
CA GLY A 163 3.90 -18.26 -13.62
C GLY A 163 2.66 -18.60 -12.84
N VAL A 164 2.60 -19.76 -12.19
CA VAL A 164 1.42 -20.18 -11.44
C VAL A 164 1.66 -19.93 -9.96
N GLU A 165 0.74 -19.22 -9.33
CA GLU A 165 0.80 -18.95 -7.91
C GLU A 165 0.18 -20.10 -7.12
N GLY A 166 0.66 -20.28 -5.90
CA GLY A 166 0.20 -21.36 -5.05
C GLY A 166 1.07 -21.46 -3.82
N PHE A 167 1.04 -22.63 -3.18
CA PHE A 167 1.94 -22.86 -2.06
C PHE A 167 3.38 -22.83 -2.57
N ASN A 168 4.24 -22.10 -1.85
CA ASN A 168 5.66 -21.92 -2.18
C ASN A 168 5.86 -21.22 -3.52
N CYS A 169 4.84 -20.56 -4.04
CA CYS A 169 4.91 -19.83 -5.32
C CYS A 169 4.12 -18.53 -5.14
N TYR A 170 4.80 -17.47 -4.72
CA TYR A 170 4.15 -16.30 -4.18
C TYR A 170 4.40 -15.07 -5.03
N PHE A 171 3.32 -14.38 -5.40
CA PHE A 171 3.41 -12.98 -5.75
C PHE A 171 4.12 -12.24 -4.62
N PRO A 172 5.26 -11.58 -4.88
CA PRO A 172 6.17 -11.22 -3.79
C PRO A 172 5.74 -10.01 -2.96
N LEU A 173 4.75 -9.25 -3.39
CA LEU A 173 4.32 -8.07 -2.65
C LEU A 173 3.07 -8.38 -1.82
N GLN A 174 2.97 -7.72 -0.67
CA GLN A 174 1.80 -7.79 0.18
C GLN A 174 1.39 -6.38 0.58
N SER A 175 0.11 -6.19 0.85
CA SER A 175 -0.39 -4.88 1.22
C SER A 175 -0.46 -4.72 2.73
N TYR A 176 -0.23 -3.48 3.17
CA TYR A 176 -0.41 -3.15 4.58
C TYR A 176 -1.88 -3.11 4.97
N GLY A 177 -2.75 -2.69 4.05
CA GLY A 177 -4.17 -2.59 4.32
C GLY A 177 -4.51 -1.77 5.55
N PHE A 178 -3.91 -0.58 5.66
CA PHE A 178 -4.11 0.27 6.83
C PHE A 178 -5.58 0.62 7.03
N GLN A 179 -6.08 0.38 8.24
CA GLN A 179 -7.39 0.86 8.64
C GLN A 179 -7.27 1.70 9.91
N PRO A 180 -8.14 2.70 10.09
CA PRO A 180 -7.85 3.77 11.05
C PRO A 180 -7.74 3.36 12.51
N THR A 181 -8.29 2.21 12.92
CA THR A 181 -8.23 1.83 14.33
C THR A 181 -7.18 0.76 14.61
N ASN A 182 -6.23 0.56 13.70
CA ASN A 182 -5.11 -0.33 13.98
C ASN A 182 -4.35 0.13 15.21
N GLY A 183 -3.74 -0.82 15.91
CA GLY A 183 -2.76 -0.48 16.92
C GLY A 183 -1.62 0.32 16.31
N VAL A 184 -0.97 1.13 17.16
CA VAL A 184 0.00 2.10 16.65
C VAL A 184 1.15 1.42 15.93
N GLY A 185 1.50 0.19 16.33
CA GLY A 185 2.54 -0.55 15.63
C GLY A 185 2.14 -0.98 14.23
N TYR A 186 0.83 -1.01 13.94
CA TYR A 186 0.33 -1.37 12.62
C TYR A 186 -0.24 -0.16 11.88
N GLN A 187 -0.09 1.04 12.42
CA GLN A 187 -0.53 2.25 11.75
C GLN A 187 0.53 2.73 10.77
N PRO A 188 0.14 3.47 9.74
CA PRO A 188 1.13 3.95 8.77
C PRO A 188 1.98 5.07 9.34
N TYR A 189 3.25 5.04 8.99
CA TYR A 189 4.22 6.08 9.30
C TYR A 189 4.90 6.48 8.01
N ARG A 190 4.91 7.78 7.75
CA ARG A 190 5.66 8.34 6.63
C ARG A 190 7.10 8.57 7.08
N VAL A 191 8.03 8.21 6.19
CA VAL A 191 9.46 8.24 6.46
C VAL A 191 10.15 9.00 5.33
N VAL A 192 11.03 9.93 5.72
CA VAL A 192 11.95 10.63 4.83
C VAL A 192 13.36 10.41 5.35
N VAL A 193 14.22 9.85 4.51
CA VAL A 193 15.63 9.69 4.79
C VAL A 193 16.39 10.71 3.95
N LEU A 194 17.12 11.60 4.62
CA LEU A 194 17.91 12.64 3.97
C LEU A 194 19.36 12.18 3.91
N SER A 195 19.86 12.01 2.69
CA SER A 195 21.27 11.77 2.45
C SER A 195 21.92 13.08 2.04
N PHE A 196 23.02 13.43 2.69
CA PHE A 196 23.75 14.66 2.40
C PHE A 196 24.98 14.30 1.60
N GLU A 197 24.92 14.55 0.30
CA GLU A 197 25.99 14.16 -0.61
C GLU A 197 27.11 15.19 -0.58
N LEU A 198 28.33 14.71 -0.39
CA LEU A 198 29.53 15.56 -0.40
C LEU A 198 30.40 15.13 -1.58
N LEU A 199 30.39 15.91 -2.64
CA LEU A 199 31.26 15.69 -3.80
C LEU A 199 32.32 16.78 -3.84
N HIS A 200 33.40 16.50 -4.56
CA HIS A 200 34.47 17.48 -4.75
C HIS A 200 34.07 18.41 -5.89
N ALA A 201 33.05 19.21 -5.59
CA ALA A 201 32.43 20.15 -6.51
C ALA A 201 31.78 21.24 -5.68
N PRO A 202 31.44 22.37 -6.29
CA PRO A 202 30.82 23.44 -5.51
C PRO A 202 29.52 22.99 -4.86
N ALA A 203 29.31 23.43 -3.62
CA ALA A 203 28.07 23.12 -2.92
C ALA A 203 26.90 23.83 -3.57
N THR A 204 25.73 23.17 -3.53
CA THR A 204 24.50 23.77 -4.03
C THR A 204 23.40 23.83 -2.99
N VAL A 205 23.51 23.11 -1.87
CA VAL A 205 22.51 23.13 -0.81
C VAL A 205 23.19 23.58 0.47
N CYS A 206 22.81 24.76 0.96
CA CYS A 206 23.39 25.33 2.18
C CYS A 206 22.28 25.71 3.15
N GLY A 207 22.67 25.88 4.42
CA GLY A 207 21.79 26.43 5.40
C GLY A 207 21.63 27.93 5.23
N PRO A 208 20.78 28.54 6.06
CA PRO A 208 20.50 29.98 5.99
C PRO A 208 21.75 30.84 6.13
N LEU B 2 -9.06 -13.94 -17.95
CA LEU B 2 -9.47 -13.35 -16.68
C LEU B 2 -8.95 -14.14 -15.49
N GLN B 3 -8.74 -13.45 -14.37
CA GLN B 3 -8.29 -14.07 -13.13
C GLN B 3 -9.44 -14.31 -12.15
N LEU B 4 -10.60 -13.72 -12.39
CA LEU B 4 -11.75 -13.85 -11.50
C LEU B 4 -12.89 -14.52 -12.27
N VAL B 5 -13.38 -15.63 -11.73
CA VAL B 5 -14.41 -16.44 -12.37
C VAL B 5 -15.65 -16.42 -11.49
N GLU B 6 -16.73 -15.85 -12.00
CA GLU B 6 -17.98 -15.75 -11.26
C GLU B 6 -18.89 -16.94 -11.54
N SER B 7 -19.76 -17.24 -10.58
CA SER B 7 -20.82 -18.21 -10.79
C SER B 7 -22.04 -17.76 -9.98
N GLY B 8 -23.19 -18.31 -10.34
CA GLY B 8 -24.46 -17.89 -9.77
C GLY B 8 -25.14 -16.85 -10.63
N GLY B 9 -26.26 -16.34 -10.12
CA GLY B 9 -27.00 -15.28 -10.76
C GLY B 9 -28.29 -15.78 -11.40
N GLY B 10 -28.94 -14.87 -12.12
CA GLY B 10 -30.13 -15.20 -12.89
C GLY B 10 -31.32 -14.35 -12.50
N LEU B 11 -32.51 -14.91 -12.68
CA LEU B 11 -33.77 -14.20 -12.49
C LEU B 11 -34.43 -14.65 -11.20
N VAL B 12 -34.90 -13.68 -10.40
CA VAL B 12 -35.55 -13.96 -9.13
C VAL B 12 -36.69 -12.98 -8.93
N GLN B 13 -37.67 -13.38 -8.14
CA GLN B 13 -38.76 -12.49 -7.77
C GLN B 13 -38.36 -11.63 -6.58
N ALA B 14 -38.98 -10.45 -6.49
CA ALA B 14 -38.74 -9.56 -5.36
C ALA B 14 -39.03 -10.28 -4.04
N GLY B 15 -38.15 -10.06 -3.06
CA GLY B 15 -38.21 -10.80 -1.82
C GLY B 15 -37.45 -12.11 -1.83
N GLY B 16 -37.00 -12.56 -3.00
CA GLY B 16 -36.26 -13.80 -3.10
C GLY B 16 -34.80 -13.64 -2.72
N SER B 17 -34.04 -14.70 -2.95
CA SER B 17 -32.62 -14.72 -2.60
C SER B 17 -31.83 -15.42 -3.70
N MET B 18 -30.52 -15.21 -3.66
CA MET B 18 -29.57 -15.94 -4.49
C MET B 18 -28.18 -15.68 -3.95
N ARG B 19 -27.20 -16.39 -4.50
CA ARG B 19 -25.85 -16.39 -3.97
C ARG B 19 -24.85 -16.37 -5.11
N LEU B 20 -23.96 -15.38 -5.12
CA LEU B 20 -22.90 -15.28 -6.12
C LEU B 20 -21.60 -15.83 -5.56
N SER B 21 -20.83 -16.49 -6.41
CA SER B 21 -19.53 -17.04 -6.05
C SER B 21 -18.47 -16.49 -7.00
N CYS B 22 -17.23 -16.51 -6.53
CA CYS B 22 -16.10 -16.05 -7.35
C CYS B 22 -14.84 -16.72 -6.88
N ALA B 23 -14.06 -17.23 -7.82
CA ALA B 23 -12.78 -17.87 -7.53
C ALA B 23 -11.69 -17.16 -8.30
N ALA B 24 -10.59 -16.83 -7.61
CA ALA B 24 -9.44 -16.21 -8.22
C ALA B 24 -8.38 -17.26 -8.51
N SER B 25 -7.71 -17.11 -9.65
CA SER B 25 -6.56 -17.96 -9.99
C SER B 25 -5.24 -17.34 -9.57
N ILE B 26 -5.27 -16.15 -8.96
CA ILE B 26 -4.11 -15.56 -8.33
C ILE B 26 -4.43 -15.33 -6.86
N SER B 27 -3.40 -15.03 -6.08
CA SER B 27 -3.56 -14.86 -4.64
C SER B 27 -3.88 -13.41 -4.31
N PHE B 28 -4.99 -13.19 -3.60
CA PHE B 28 -5.33 -11.89 -3.07
C PHE B 28 -5.08 -11.81 -1.56
N SER B 29 -4.19 -12.65 -1.03
CA SER B 29 -3.82 -12.56 0.37
C SER B 29 -3.27 -11.17 0.67
N SER B 30 -3.79 -10.56 1.74
CA SER B 30 -3.55 -9.19 2.20
C SER B 30 -4.23 -8.15 1.32
N PHE B 31 -4.86 -8.55 0.22
CA PHE B 31 -5.52 -7.66 -0.71
C PHE B 31 -7.03 -7.80 -0.61
N PRO B 32 -7.79 -6.82 -1.08
CA PRO B 32 -9.25 -6.90 -0.97
C PRO B 32 -9.89 -7.66 -2.14
N MET B 33 -10.99 -8.34 -1.81
CA MET B 33 -11.88 -8.92 -2.79
C MET B 33 -13.30 -8.47 -2.48
N GLY B 34 -14.14 -8.41 -3.49
CA GLY B 34 -15.50 -7.95 -3.26
C GLY B 34 -16.36 -8.00 -4.49
N TRP B 35 -17.41 -7.19 -4.48
CA TRP B 35 -18.43 -7.22 -5.51
C TRP B 35 -18.83 -5.80 -5.89
N HIS B 36 -18.90 -5.53 -7.19
CA HIS B 36 -19.45 -4.30 -7.72
C HIS B 36 -20.66 -4.64 -8.59
N ARG B 37 -21.47 -3.62 -8.89
CA ARG B 37 -22.62 -3.81 -9.75
C ARG B 37 -22.83 -2.56 -10.59
N GLN B 38 -23.44 -2.76 -11.77
CA GLN B 38 -23.74 -1.66 -12.67
C GLN B 38 -25.14 -1.86 -13.24
N ALA B 39 -26.06 -0.98 -12.83
CA ALA B 39 -27.39 -0.94 -13.41
C ALA B 39 -27.32 -0.37 -14.83
N PRO B 40 -28.33 -0.63 -15.65
CA PRO B 40 -28.31 -0.10 -17.02
C PRO B 40 -28.29 1.42 -17.03
N GLY B 41 -27.39 1.98 -17.84
CA GLY B 41 -27.24 3.42 -17.92
C GLY B 41 -26.71 4.07 -16.67
N LYS B 42 -26.08 3.30 -15.78
CA LYS B 42 -25.54 3.83 -14.54
C LYS B 42 -24.07 3.48 -14.42
N GLN B 43 -23.41 4.12 -13.47
CA GLN B 43 -21.99 3.88 -13.23
C GLN B 43 -21.80 2.70 -12.29
N ARG B 44 -20.79 1.87 -12.59
CA ARG B 44 -20.47 0.74 -11.73
C ARG B 44 -20.11 1.21 -10.34
N GLU B 45 -20.75 0.61 -9.33
CA GLU B 45 -20.56 1.02 -7.95
C GLU B 45 -20.29 -0.19 -7.07
N LEU B 46 -19.65 0.07 -5.93
CA LEU B 46 -19.29 -0.98 -5.00
C LEU B 46 -20.54 -1.54 -4.31
N VAL B 47 -20.56 -2.86 -4.13
CA VAL B 47 -21.59 -3.54 -3.36
C VAL B 47 -21.08 -3.95 -1.99
N ALA B 48 -19.96 -4.68 -1.96
CA ALA B 48 -19.34 -5.13 -0.73
C ALA B 48 -17.90 -5.54 -1.03
N LYS B 49 -17.05 -5.40 -0.02
CA LYS B 49 -15.66 -5.83 -0.13
C LYS B 49 -15.18 -6.26 1.25
N THR B 50 -14.20 -7.15 1.28
CA THR B 50 -13.64 -7.59 2.55
C THR B 50 -12.17 -7.94 2.37
N GLY B 51 -11.45 -7.89 3.48
CA GLY B 51 -10.03 -8.14 3.48
C GLY B 51 -9.45 -7.78 4.83
N ILE B 52 -8.12 -7.78 4.91
CA ILE B 52 -7.47 -7.45 6.17
C ILE B 52 -7.73 -6.00 6.58
N GLY B 53 -8.14 -5.16 5.63
CA GLY B 53 -8.51 -3.79 5.95
C GLY B 53 -9.91 -3.60 6.48
N GLY B 54 -10.71 -4.66 6.54
CA GLY B 54 -12.08 -4.53 7.00
C GLY B 54 -13.15 -4.96 6.01
N THR B 55 -14.41 -4.83 6.40
CA THR B 55 -15.51 -5.20 5.55
C THR B 55 -16.37 -3.98 5.31
N ALA B 56 -16.69 -3.64 4.09
CA ALA B 56 -17.55 -2.48 3.89
C ALA B 56 -18.67 -2.85 2.94
N TYR B 57 -19.85 -2.29 3.19
CA TYR B 57 -21.03 -2.51 2.35
C TYR B 57 -21.54 -1.19 1.82
N ASP B 58 -22.17 -1.23 0.64
CA ASP B 58 -22.96 -0.09 0.21
C ASP B 58 -24.17 0.05 1.12
N ASP B 59 -24.58 1.31 1.35
CA ASP B 59 -25.67 1.57 2.28
C ASP B 59 -26.96 0.85 1.87
N SER B 60 -27.19 0.72 0.56
CA SER B 60 -28.46 0.17 0.09
C SER B 60 -28.59 -1.33 0.39
N VAL B 61 -27.47 -2.04 0.52
CA VAL B 61 -27.51 -3.49 0.70
C VAL B 61 -27.27 -3.92 2.14
N LYS B 62 -27.00 -2.98 3.04
CA LYS B 62 -26.75 -3.33 4.42
C LYS B 62 -27.97 -4.02 5.03
N GLY B 63 -27.73 -5.11 5.76
CA GLY B 63 -28.79 -5.89 6.34
C GLY B 63 -29.44 -6.90 5.42
N ARG B 64 -29.11 -6.87 4.13
CA ARG B 64 -29.65 -7.81 3.15
C ARG B 64 -28.58 -8.65 2.47
N PHE B 65 -27.46 -8.03 2.08
CA PHE B 65 -26.36 -8.72 1.45
C PHE B 65 -25.27 -9.02 2.47
N THR B 66 -24.62 -10.17 2.34
CA THR B 66 -23.54 -10.57 3.22
C THR B 66 -22.38 -11.08 2.38
N ILE B 67 -21.22 -10.48 2.55
CA ILE B 67 -20.01 -10.94 1.86
C ILE B 67 -19.25 -11.88 2.77
N SER B 68 -18.68 -12.93 2.18
CA SER B 68 -17.80 -13.84 2.90
C SER B 68 -16.64 -14.19 2.00
N ARG B 69 -15.59 -14.74 2.60
CA ARG B 69 -14.35 -14.97 1.86
C ARG B 69 -13.60 -16.14 2.46
N ASP B 70 -13.12 -17.02 1.59
CA ASP B 70 -12.24 -18.13 1.98
C ASP B 70 -10.84 -17.76 1.51
N ASN B 71 -10.03 -17.35 2.44
CA ASN B 71 -8.69 -16.95 2.13
C ASN B 71 -7.81 -18.03 1.58
N THR B 72 -8.05 -19.24 1.99
CA THR B 72 -7.28 -20.34 1.49
C THR B 72 -7.54 -20.60 0.00
N LYS B 73 -8.78 -20.60 -0.43
CA LYS B 73 -9.11 -20.85 -1.82
C LYS B 73 -9.14 -19.58 -2.66
N ASN B 74 -8.89 -18.41 -2.08
CA ASN B 74 -9.01 -17.12 -2.76
C ASN B 74 -10.38 -16.99 -3.43
N THR B 75 -11.43 -17.27 -2.66
CA THR B 75 -12.79 -17.17 -3.14
C THR B 75 -13.55 -16.15 -2.31
N VAL B 76 -14.52 -15.50 -2.95
CA VAL B 76 -15.38 -14.52 -2.29
C VAL B 76 -16.82 -14.81 -2.69
N TYR B 77 -17.75 -14.58 -1.75
CA TYR B 77 -19.15 -14.93 -1.94
C TYR B 77 -20.02 -13.75 -1.54
N LEU B 78 -21.19 -13.68 -2.17
CA LEU B 78 -22.18 -12.63 -1.89
C LEU B 78 -23.55 -13.29 -1.73
N GLN B 79 -24.00 -13.42 -0.48
CA GLN B 79 -25.36 -13.89 -0.20
C GLN B 79 -26.31 -12.71 -0.29
N MET B 80 -27.27 -12.79 -1.21
CA MET B 80 -28.18 -11.69 -1.51
C MET B 80 -29.59 -12.09 -1.05
N ASN B 81 -30.01 -11.56 0.09
CA ASN B 81 -31.33 -11.84 0.64
C ASN B 81 -32.24 -10.64 0.44
N SER B 82 -33.55 -10.92 0.44
CA SER B 82 -34.59 -9.90 0.35
C SER B 82 -34.37 -9.01 -0.88
N LEU B 83 -34.21 -9.65 -2.03
CA LEU B 83 -33.89 -8.93 -3.26
C LEU B 83 -34.97 -7.92 -3.61
N LYS B 84 -34.55 -6.77 -4.11
CA LYS B 84 -35.44 -5.71 -4.52
C LYS B 84 -35.27 -5.45 -6.01
N VAL B 85 -36.29 -4.82 -6.60
CA VAL B 85 -36.23 -4.49 -8.03
C VAL B 85 -35.01 -3.62 -8.32
N GLU B 86 -34.65 -2.73 -7.39
CA GLU B 86 -33.49 -1.88 -7.59
C GLU B 86 -32.19 -2.67 -7.66
N ASP B 87 -32.16 -3.88 -7.08
CA ASP B 87 -30.95 -4.69 -7.08
C ASP B 87 -30.62 -5.26 -8.46
N THR B 88 -31.48 -5.06 -9.46
CA THR B 88 -31.22 -5.56 -10.80
C THR B 88 -30.02 -4.83 -11.40
N ALA B 89 -29.00 -5.58 -11.78
CA ALA B 89 -27.79 -5.02 -12.36
C ALA B 89 -26.91 -6.17 -12.84
N VAL B 90 -25.82 -5.80 -13.52
CA VAL B 90 -24.74 -6.73 -13.81
C VAL B 90 -23.78 -6.67 -12.62
N TYR B 91 -23.55 -7.82 -11.99
CA TYR B 91 -22.68 -7.88 -10.81
C TYR B 91 -21.31 -8.41 -11.23
N TYR B 92 -20.27 -7.73 -10.77
CA TYR B 92 -18.89 -8.08 -11.12
C TYR B 92 -18.13 -8.50 -9.86
N CYS B 93 -17.52 -9.67 -9.91
CA CYS B 93 -16.48 -9.98 -8.93
C CYS B 93 -15.31 -9.02 -9.12
N TRP B 94 -14.68 -8.66 -8.00
CA TRP B 94 -13.65 -7.64 -8.03
C TRP B 94 -12.54 -7.98 -7.05
N GLY B 95 -11.31 -7.64 -7.46
CA GLY B 95 -10.19 -7.62 -6.54
C GLY B 95 -9.27 -6.48 -6.90
N TRP B 96 -8.33 -6.20 -6.02
CA TRP B 96 -7.29 -5.21 -6.32
C TRP B 96 -5.95 -5.76 -5.89
N ARG B 97 -4.99 -5.78 -6.82
CA ARG B 97 -3.61 -6.16 -6.50
C ARG B 97 -2.72 -5.37 -7.47
N MET B 98 -2.32 -4.18 -7.03
CA MET B 98 -1.65 -3.16 -7.82
C MET B 98 -2.59 -2.52 -8.82
N ASN B 99 -3.40 -3.34 -9.50
CA ASN B 99 -4.42 -2.88 -10.43
C ASN B 99 -5.74 -3.56 -10.09
N ASP B 100 -6.81 -3.06 -10.70
CA ASP B 100 -8.12 -3.67 -10.54
C ASP B 100 -8.22 -4.96 -11.35
N TYR B 101 -8.86 -5.96 -10.76
CA TYR B 101 -9.22 -7.20 -11.43
C TYR B 101 -10.73 -7.34 -11.38
N TRP B 102 -11.33 -7.70 -12.52
CA TRP B 102 -12.77 -7.83 -12.65
C TRP B 102 -13.14 -9.19 -13.20
N GLY B 103 -14.26 -9.73 -12.74
CA GLY B 103 -14.85 -10.90 -13.34
C GLY B 103 -15.57 -10.55 -14.63
N GLN B 104 -16.20 -11.58 -15.21
CA GLN B 104 -16.88 -11.42 -16.49
C GLN B 104 -18.11 -10.53 -16.37
N GLY B 105 -18.78 -10.56 -15.22
CA GLY B 105 -20.04 -9.85 -15.07
C GLY B 105 -21.20 -10.82 -15.14
N THR B 106 -22.08 -10.78 -14.14
CA THR B 106 -23.18 -11.73 -14.03
C THR B 106 -24.48 -10.96 -13.90
N GLN B 107 -25.42 -11.25 -14.78
CA GLN B 107 -26.71 -10.55 -14.75
C GLN B 107 -27.53 -11.04 -13.56
N VAL B 108 -28.05 -10.09 -12.80
CA VAL B 108 -29.01 -10.36 -11.73
C VAL B 108 -30.26 -9.56 -12.04
N THR B 109 -31.40 -10.24 -12.17
CA THR B 109 -32.66 -9.61 -12.51
C THR B 109 -33.67 -9.91 -11.41
N VAL B 110 -34.23 -8.86 -10.83
CA VAL B 110 -35.24 -8.96 -9.78
C VAL B 110 -36.49 -8.26 -10.29
N SER B 111 -37.56 -9.02 -10.50
CA SER B 111 -38.83 -8.46 -10.95
C SER B 111 -39.95 -8.94 -10.04
N SER B 112 -41.10 -8.26 -10.14
CA SER B 112 -42.26 -8.63 -9.35
C SER B 112 -43.34 -9.24 -10.24
#